data_4LJR
#
_entry.id   4LJR
#
_cell.length_a   37.400
_cell.length_b   40.510
_cell.length_c   154.680
_cell.angle_alpha   90.00
_cell.angle_beta   92.18
_cell.angle_gamma   90.00
#
_symmetry.space_group_name_H-M   'P 1 21 1'
#
loop_
_entity.id
_entity.type
_entity.pdbx_description
1 polymer 'DNA processing chain A'
2 polymer 'single-stranded DNA'
3 water water
#
loop_
_entity_poly.entity_id
_entity_poly.type
_entity_poly.pdbx_seq_one_letter_code
_entity_poly.pdbx_strand_id
1 'polypeptide(L)'
;MKSHFQYSTLENIPKAFDILKDPPKKLYCVGDTKLLDTPLKVAIIGTRRPTPYSKQHTITLARELAKNGAVIVSGGALGV
DIIAQENALPKTIMLSPCSLDFIYPTNNHKVIQEIAQNGLILSEYEKDFMPIKGSFLARNRLVIALSDVVIIPQADLKSG
SMSSARLAQKYQKPLFVLPQRLNESDGTNELLEKGQAQGIFNIQNFINTLLKDLEHHHHHH
;
A,B
2 'polydeoxyribonucleotide'
;(DT)(DT)(DT)(DT)(DT)(DT)(DT)(DT)(DT)(DT)(DT)(DT)(DT)(DT)(DT)(DT)(DT)(DT)(DT)(DT)
(DT)(DT)(DT)(DT)(DT)(DT)(DT)(DT)(DT)(DT)(DT)(DT)(DT)(DT)(DT)
;
C,D
#
loop_
_chem_comp.id
_chem_comp.type
_chem_comp.name
_chem_comp.formula
DT DNA linking THYMIDINE-5'-MONOPHOSPHATE 'C10 H15 N2 O8 P'
#
# COMPACT_ATOMS: atom_id res chain seq x y z
N MET A 1 5.29 23.55 30.95
CA MET A 1 5.19 22.56 32.00
C MET A 1 6.56 22.12 32.50
N LYS A 2 6.75 22.19 33.81
CA LYS A 2 8.03 21.82 34.40
C LYS A 2 8.08 20.31 34.59
N SER A 3 9.24 19.72 34.36
CA SER A 3 9.38 18.27 34.46
C SER A 3 9.78 17.84 35.87
N HIS A 4 10.53 18.71 36.55
CA HIS A 4 11.15 18.37 37.83
C HIS A 4 12.11 17.19 37.70
N PHE A 5 12.57 16.93 36.49
CA PHE A 5 13.53 15.85 36.25
C PHE A 5 14.89 16.20 36.85
N GLN A 6 15.57 15.21 37.41
CA GLN A 6 16.95 15.38 37.83
C GLN A 6 17.83 14.86 36.71
N TYR A 7 18.43 15.76 35.93
CA TYR A 7 19.18 15.32 34.77
C TYR A 7 20.67 15.68 34.83
N SER A 8 21.45 14.92 34.08
CA SER A 8 22.89 15.08 33.99
C SER A 8 23.32 15.19 32.52
N THR A 9 24.57 14.84 32.23
CA THR A 9 25.07 14.79 30.86
C THR A 9 25.63 13.40 30.56
N LEU A 10 25.61 13.03 29.28
CA LEU A 10 26.26 11.80 28.83
C LEU A 10 27.76 12.00 28.93
N GLU A 11 28.47 10.95 29.37
CA GLU A 11 29.91 11.00 29.46
C GLU A 11 30.53 11.04 28.07
N ASN A 12 29.98 10.23 27.17
CA ASN A 12 30.43 10.21 25.79
C ASN A 12 29.27 10.40 24.80
N ILE A 13 29.52 11.18 23.75
CA ILE A 13 28.55 11.29 22.66
C ILE A 13 28.54 9.96 21.91
N PRO A 14 27.34 9.38 21.72
CA PRO A 14 27.24 8.13 20.96
C PRO A 14 27.86 8.27 19.57
N LYS A 15 28.63 7.27 19.17
CA LYS A 15 29.30 7.28 17.87
C LYS A 15 28.34 7.42 16.68
N ALA A 16 27.07 7.07 16.89
CA ALA A 16 26.09 7.15 15.80
C ALA A 16 26.01 8.57 15.27
N PHE A 17 26.29 9.54 16.14
CA PHE A 17 26.19 10.95 15.77
C PHE A 17 27.39 11.45 14.98
N ASP A 18 28.43 10.64 14.90
CA ASP A 18 29.64 11.02 14.17
C ASP A 18 29.36 11.27 12.69
N ILE A 19 28.24 10.76 12.19
CA ILE A 19 27.94 10.88 10.76
C ILE A 19 27.42 12.27 10.43
N LEU A 20 27.07 13.04 11.46
CA LEU A 20 26.40 14.32 11.26
C LEU A 20 27.39 15.42 10.87
N LYS A 21 26.91 16.41 10.13
CA LYS A 21 27.73 17.56 9.81
C LYS A 21 28.17 18.24 11.10
N ASP A 22 27.20 18.63 11.92
CA ASP A 22 27.47 19.21 13.23
C ASP A 22 26.92 18.31 14.32
N PRO A 23 27.72 17.31 14.75
CA PRO A 23 27.29 16.43 15.84
C PRO A 23 27.20 17.18 17.15
N PRO A 24 26.23 16.82 18.00
CA PRO A 24 26.09 17.51 19.30
C PRO A 24 27.38 17.41 20.10
N LYS A 25 27.77 18.49 20.76
CA LYS A 25 29.02 18.48 21.51
C LYS A 25 28.76 18.03 22.93
N LYS A 26 27.50 18.10 23.33
CA LYS A 26 27.10 17.81 24.68
C LYS A 26 25.65 17.32 24.66
N LEU A 27 25.36 16.28 25.43
CA LEU A 27 24.00 15.75 25.49
C LEU A 27 23.55 15.60 26.93
N TYR A 28 22.37 16.12 27.23
CA TYR A 28 21.80 15.99 28.58
C TYR A 28 20.88 14.79 28.63
N CYS A 29 20.88 14.10 29.76
CA CYS A 29 20.19 12.80 29.85
C CYS A 29 19.48 12.60 31.18
N VAL A 30 18.33 11.93 31.11
CA VAL A 30 17.71 11.38 32.30
C VAL A 30 17.21 9.97 31.97
N GLY A 31 17.48 9.02 32.85
CA GLY A 31 17.04 7.65 32.65
C GLY A 31 18.18 6.70 32.36
N ASP A 32 17.84 5.60 31.69
CA ASP A 32 18.76 4.49 31.46
C ASP A 32 19.70 4.73 30.28
N THR A 33 20.90 5.23 30.54
CA THR A 33 21.85 5.52 29.48
C THR A 33 22.35 4.25 28.78
N LYS A 34 22.15 3.10 29.39
CA LYS A 34 22.61 1.84 28.80
C LYS A 34 21.82 1.45 27.56
N LEU A 35 20.67 2.07 27.37
CA LEU A 35 19.84 1.79 26.20
C LEU A 35 20.58 2.16 24.92
N LEU A 36 21.51 3.10 25.05
CA LEU A 36 22.32 3.54 23.92
C LEU A 36 23.24 2.44 23.40
N ASP A 37 23.34 1.34 24.15
CA ASP A 37 24.19 0.23 23.73
C ASP A 37 23.38 -0.88 23.07
N THR A 38 22.08 -0.66 22.92
CA THR A 38 21.21 -1.65 22.30
C THR A 38 21.66 -1.88 20.85
N PRO A 39 21.84 -3.15 20.47
CA PRO A 39 22.32 -3.48 19.12
C PRO A 39 21.42 -2.95 18.02
N LEU A 40 20.11 -3.06 18.20
CA LEU A 40 19.14 -2.63 17.20
C LEU A 40 18.30 -1.45 17.67
N LYS A 41 18.50 -0.30 17.03
CA LYS A 41 17.74 0.90 17.36
C LYS A 41 16.83 1.26 16.20
N VAL A 42 15.54 1.35 16.48
CA VAL A 42 14.55 1.62 15.44
C VAL A 42 13.79 2.91 15.72
N ALA A 43 13.80 3.82 14.76
CA ALA A 43 13.01 5.04 14.85
C ALA A 43 11.58 4.81 14.36
N ILE A 44 10.62 5.21 15.17
CA ILE A 44 9.22 5.19 14.75
C ILE A 44 8.70 6.60 14.91
N ILE A 45 8.38 7.22 13.79
CA ILE A 45 8.01 8.62 13.77
C ILE A 45 6.87 8.78 12.79
N GLY A 46 6.10 9.85 12.93
CA GLY A 46 5.00 10.08 12.01
C GLY A 46 4.04 11.15 12.44
N THR A 47 2.90 11.17 11.77
CA THR A 47 1.86 12.17 11.96
C THR A 47 1.39 12.27 13.40
N ARG A 48 1.05 13.49 13.82
CA ARG A 48 0.50 13.73 15.13
C ARG A 48 -0.98 13.32 15.18
N ARG A 49 -1.53 12.99 14.01
CA ARG A 49 -2.94 12.61 13.94
C ARG A 49 -3.14 11.31 13.17
N PRO A 50 -2.68 10.18 13.74
CA PRO A 50 -2.82 8.89 13.09
C PRO A 50 -4.26 8.38 13.11
N THR A 51 -4.64 7.67 12.06
CA THR A 51 -5.94 7.00 12.00
C THR A 51 -5.91 5.81 12.95
N PRO A 52 -7.08 5.31 13.33
CA PRO A 52 -7.13 4.08 14.14
C PRO A 52 -6.33 2.94 13.53
N TYR A 53 -6.33 2.82 12.21
CA TYR A 53 -5.56 1.80 11.51
C TYR A 53 -4.06 1.93 11.80
N SER A 54 -3.52 3.12 11.63
CA SER A 54 -2.09 3.34 11.82
C SER A 54 -1.71 3.17 13.27
N LYS A 55 -2.53 3.68 14.17
CA LYS A 55 -2.29 3.52 15.60
C LYS A 55 -2.20 2.04 15.96
N GLN A 56 -3.16 1.26 15.47
CA GLN A 56 -3.23 -0.16 15.76
C GLN A 56 -1.91 -0.87 15.43
N HIS A 57 -1.36 -0.60 14.25
CA HIS A 57 -0.15 -1.29 13.81
C HIS A 57 1.12 -0.68 14.34
N THR A 58 1.06 0.61 14.69
CA THR A 58 2.17 1.26 15.38
C THR A 58 2.37 0.59 16.74
N ILE A 59 1.27 0.25 17.40
CA ILE A 59 1.34 -0.43 18.68
C ILE A 59 2.00 -1.81 18.55
N THR A 60 1.52 -2.61 17.61
CA THR A 60 2.09 -3.93 17.36
C THR A 60 3.59 -3.83 17.04
N LEU A 61 3.95 -2.92 16.15
CA LEU A 61 5.36 -2.77 15.75
C LEU A 61 6.24 -2.44 16.96
N ALA A 62 5.80 -1.47 17.77
CA ALA A 62 6.56 -1.05 18.94
C ALA A 62 6.68 -2.17 19.98
N ARG A 63 5.56 -2.75 20.35
CA ARG A 63 5.53 -3.82 21.35
C ARG A 63 6.39 -5.01 20.96
N GLU A 64 6.22 -5.49 19.74
CA GLU A 64 6.96 -6.64 19.24
C GLU A 64 8.45 -6.38 19.09
N LEU A 65 8.82 -5.22 18.57
CA LEU A 65 10.23 -4.85 18.43
C LEU A 65 10.89 -4.82 19.80
N ALA A 66 10.25 -4.14 20.75
CA ALA A 66 10.75 -4.09 22.12
C ALA A 66 10.82 -5.48 22.74
N LYS A 67 9.82 -6.31 22.43
CA LYS A 67 9.80 -7.68 22.93
C LYS A 67 11.00 -8.46 22.42
N ASN A 68 11.42 -8.17 21.19
CA ASN A 68 12.57 -8.84 20.59
C ASN A 68 13.92 -8.17 20.87
N GLY A 69 13.93 -7.22 21.80
CA GLY A 69 15.17 -6.65 22.27
C GLY A 69 15.66 -5.40 21.56
N ALA A 70 14.85 -4.85 20.66
CA ALA A 70 15.21 -3.59 20.01
C ALA A 70 14.77 -2.43 20.89
N VAL A 71 15.39 -1.27 20.67
CA VAL A 71 14.95 -0.06 21.36
C VAL A 71 14.32 0.88 20.35
N ILE A 72 13.15 1.43 20.69
CA ILE A 72 12.45 2.37 19.82
C ILE A 72 12.92 3.79 20.10
N VAL A 73 13.30 4.50 19.04
CA VAL A 73 13.71 5.88 19.15
C VAL A 73 12.65 6.79 18.56
N SER A 74 12.28 7.83 19.29
CA SER A 74 11.36 8.81 18.74
C SER A 74 11.51 10.17 19.42
N GLY A 75 10.59 11.09 19.13
CA GLY A 75 10.67 12.46 19.58
C GLY A 75 9.63 12.86 20.62
N GLY A 76 8.84 11.91 21.08
CA GLY A 76 7.84 12.16 22.10
C GLY A 76 6.64 13.01 21.69
N ALA A 77 6.48 13.21 20.39
CA ALA A 77 5.41 14.06 19.85
C ALA A 77 4.02 13.44 20.01
N LEU A 78 2.99 14.27 19.89
CA LEU A 78 1.62 13.78 19.84
C LEU A 78 1.50 12.79 18.69
N GLY A 79 0.63 11.79 18.85
CA GLY A 79 0.34 10.85 17.78
C GLY A 79 1.28 9.67 17.70
N VAL A 80 1.80 9.43 16.50
CA VAL A 80 2.65 8.26 16.24
C VAL A 80 3.81 8.08 17.23
N ASP A 81 4.56 9.16 17.46
CA ASP A 81 5.72 9.12 18.37
C ASP A 81 5.35 8.50 19.71
N ILE A 82 4.38 9.13 20.38
CA ILE A 82 4.09 8.81 21.77
C ILE A 82 3.33 7.49 21.90
N ILE A 83 2.62 7.12 20.85
CA ILE A 83 2.03 5.78 20.79
C ILE A 83 3.14 4.74 20.77
N ALA A 84 4.10 4.91 19.86
CA ALA A 84 5.20 3.96 19.72
C ALA A 84 6.03 3.88 20.99
N GLN A 85 6.34 5.04 21.58
CA GLN A 85 7.19 5.06 22.75
C GLN A 85 6.51 4.45 23.98
N GLU A 86 5.22 4.73 24.17
CA GLU A 86 4.54 4.15 25.32
C GLU A 86 4.49 2.64 25.20
N ASN A 87 4.29 2.15 23.97
CA ASN A 87 4.15 0.71 23.78
C ASN A 87 5.47 -0.04 23.72
N ALA A 88 6.58 0.70 23.68
CA ALA A 88 7.91 0.10 23.69
C ALA A 88 8.54 0.12 25.08
N LEU A 89 7.95 0.86 26.00
CA LEU A 89 8.48 0.95 27.37
C LEU A 89 8.83 -0.43 27.94
N PRO A 90 9.95 -0.52 28.66
CA PRO A 90 10.86 0.58 28.99
C PRO A 90 11.99 0.74 27.98
N LYS A 91 11.96 -0.03 26.90
CA LYS A 91 13.04 0.05 25.92
C LYS A 91 12.78 1.13 24.89
N THR A 92 12.91 2.38 25.29
CA THR A 92 12.65 3.47 24.37
C THR A 92 13.48 4.71 24.72
N ILE A 93 13.94 5.40 23.68
CA ILE A 93 14.75 6.60 23.82
C ILE A 93 14.04 7.78 23.16
N MET A 94 13.82 8.84 23.93
CA MET A 94 13.22 10.05 23.39
C MET A 94 14.27 11.14 23.22
N LEU A 95 14.26 11.81 22.06
CA LEU A 95 15.08 12.99 21.84
C LEU A 95 14.16 14.21 21.95
N SER A 96 14.44 15.05 22.93
CA SER A 96 13.56 16.18 23.25
C SER A 96 13.89 17.44 22.44
N PRO A 97 12.84 18.21 22.07
CA PRO A 97 13.02 19.49 21.39
C PRO A 97 13.23 20.62 22.40
N CYS A 98 13.26 20.28 23.69
CA CYS A 98 13.52 21.28 24.72
C CYS A 98 14.47 20.74 25.77
N SER A 99 14.88 21.60 26.71
CA SER A 99 15.72 21.18 27.82
C SER A 99 14.92 20.24 28.73
N LEU A 100 15.63 19.41 29.48
CA LEU A 100 15.02 18.36 30.28
C LEU A 100 14.30 18.86 31.54
N ASP A 101 14.39 20.16 31.80
CA ASP A 101 13.60 20.75 32.87
C ASP A 101 12.16 21.04 32.43
N PHE A 102 11.92 20.88 31.12
CA PHE A 102 10.59 21.13 30.54
C PHE A 102 9.99 19.82 30.02
N ILE A 103 8.67 19.70 30.14
CA ILE A 103 7.95 18.62 29.47
C ILE A 103 7.24 19.17 28.22
N TYR A 104 7.47 18.54 27.08
CA TYR A 104 6.76 18.91 25.85
C TYR A 104 6.56 17.70 24.95
N PRO A 105 5.32 17.52 24.43
CA PRO A 105 4.14 18.36 24.64
C PRO A 105 3.47 18.08 25.98
N THR A 106 2.79 19.07 26.54
CA THR A 106 2.17 18.96 27.86
C THR A 106 1.29 17.73 28.02
N ASN A 107 0.47 17.45 27.02
CA ASN A 107 -0.50 16.35 27.10
C ASN A 107 0.11 14.96 27.13
N ASN A 108 1.40 14.86 26.82
CA ASN A 108 2.10 13.58 26.86
C ASN A 108 2.88 13.40 28.17
N HIS A 109 2.56 14.20 29.17
CA HIS A 109 3.39 14.22 30.38
C HIS A 109 3.49 12.87 31.07
N LYS A 110 2.39 12.12 31.13
CA LYS A 110 2.43 10.83 31.81
C LYS A 110 3.43 9.87 31.16
N VAL A 111 3.32 9.69 29.85
CA VAL A 111 4.26 8.81 29.15
C VAL A 111 5.68 9.33 29.21
N ILE A 112 5.86 10.63 29.05
CA ILE A 112 7.21 11.19 29.04
C ILE A 112 7.86 10.98 30.41
N GLN A 113 7.06 11.16 31.46
CA GLN A 113 7.49 10.87 32.81
C GLN A 113 7.95 9.41 32.95
N GLU A 114 7.18 8.49 32.38
CA GLU A 114 7.55 7.07 32.40
C GLU A 114 8.84 6.80 31.62
N ILE A 115 9.02 7.52 30.52
CA ILE A 115 10.27 7.39 29.76
C ILE A 115 11.45 7.85 30.62
N ALA A 116 11.33 9.02 31.24
CA ALA A 116 12.36 9.51 32.14
C ALA A 116 12.67 8.49 33.22
N GLN A 117 11.65 7.75 33.65
CA GLN A 117 11.80 6.82 34.75
C GLN A 117 12.39 5.46 34.36
N ASN A 118 11.96 4.93 33.23
CA ASN A 118 12.35 3.57 32.84
C ASN A 118 13.06 3.46 31.50
N GLY A 119 12.92 4.48 30.65
CA GLY A 119 13.65 4.54 29.40
C GLY A 119 14.74 5.59 29.51
N LEU A 120 14.90 6.39 28.46
CA LEU A 120 15.94 7.40 28.42
C LEU A 120 15.46 8.59 27.60
N ILE A 121 15.70 9.80 28.12
CA ILE A 121 15.45 11.01 27.35
C ILE A 121 16.76 11.75 27.19
N LEU A 122 17.05 12.20 25.98
CA LEU A 122 18.24 12.99 25.70
C LEU A 122 17.83 14.36 25.17
N SER A 123 18.66 15.36 25.44
CA SER A 123 18.47 16.71 24.89
C SER A 123 19.80 17.38 24.57
N GLU A 124 19.81 18.18 23.51
CA GLU A 124 20.97 19.01 23.18
C GLU A 124 20.99 20.29 24.01
N TYR A 125 19.89 20.59 24.67
CA TYR A 125 19.72 21.88 25.35
C TYR A 125 19.79 21.79 26.88
N GLU A 126 20.63 22.62 27.48
CA GLU A 126 20.93 22.51 28.90
C GLU A 126 19.77 22.79 29.85
N LYS A 127 19.15 23.95 29.69
CA LYS A 127 18.18 24.44 30.67
C LYS A 127 17.38 25.61 30.11
N ASP A 128 16.18 25.81 30.64
CA ASP A 128 15.33 26.95 30.26
C ASP A 128 15.19 27.12 28.75
N PHE A 129 15.32 26.03 28.01
CA PHE A 129 15.20 26.07 26.56
C PHE A 129 13.85 25.53 26.13
N MET A 130 12.99 26.42 25.67
CA MET A 130 11.65 26.04 25.25
C MET A 130 11.68 25.59 23.81
N PRO A 131 10.73 24.72 23.42
CA PRO A 131 10.68 24.27 22.02
C PRO A 131 10.57 25.47 21.09
N ILE A 132 11.25 25.38 19.96
CA ILE A 132 11.19 26.42 18.94
C ILE A 132 11.39 25.70 17.61
N LYS A 133 10.90 26.28 16.52
CA LYS A 133 10.93 25.59 15.23
C LYS A 133 12.27 24.90 14.95
N GLY A 134 13.36 25.64 15.09
CA GLY A 134 14.69 25.12 14.83
C GLY A 134 15.11 23.96 15.71
N SER A 135 14.57 23.87 16.92
CA SER A 135 14.95 22.78 17.82
C SER A 135 14.20 21.50 17.47
N PHE A 136 12.99 21.63 16.95
CA PHE A 136 12.25 20.46 16.45
C PHE A 136 13.00 19.81 15.31
N LEU A 137 13.43 20.61 14.34
CA LEU A 137 14.21 20.10 13.23
C LEU A 137 15.55 19.55 13.71
N ALA A 138 16.17 20.25 14.66
CA ALA A 138 17.49 19.84 15.13
C ALA A 138 17.43 18.48 15.78
N ARG A 139 16.44 18.26 16.64
CA ARG A 139 16.35 16.97 17.33
C ARG A 139 15.92 15.88 16.35
N ASN A 140 15.23 16.27 15.28
CA ASN A 140 14.84 15.28 14.29
C ASN A 140 16.07 14.62 13.64
N ARG A 141 17.15 15.38 13.49
CA ARG A 141 18.37 14.83 12.92
C ARG A 141 18.98 13.81 13.86
N LEU A 142 18.86 14.05 15.16
CA LEU A 142 19.38 13.12 16.15
C LEU A 142 18.62 11.79 16.15
N VAL A 143 17.30 11.86 15.99
CA VAL A 143 16.50 10.63 15.95
C VAL A 143 16.97 9.75 14.80
N ILE A 144 17.12 10.36 13.63
CA ILE A 144 17.53 9.63 12.44
C ILE A 144 18.98 9.12 12.57
N ALA A 145 19.90 10.00 12.95
CA ALA A 145 21.30 9.60 13.09
C ALA A 145 21.49 8.44 14.07
N LEU A 146 20.73 8.47 15.17
CA LEU A 146 20.88 7.44 16.21
C LEU A 146 20.31 6.08 15.80
N SER A 147 19.40 6.10 14.83
CA SER A 147 18.61 4.90 14.52
C SER A 147 19.21 4.11 13.36
N ASP A 148 19.06 2.79 13.42
CA ASP A 148 19.58 1.90 12.39
C ASP A 148 18.55 1.72 11.28
N VAL A 149 17.29 1.68 11.68
CA VAL A 149 16.17 1.55 10.77
C VAL A 149 15.12 2.59 11.13
N VAL A 150 14.42 3.11 10.12
CA VAL A 150 13.41 4.16 10.34
C VAL A 150 12.04 3.72 9.83
N ILE A 151 11.06 3.69 10.72
CA ILE A 151 9.69 3.36 10.35
C ILE A 151 8.81 4.59 10.40
N ILE A 152 8.14 4.88 9.29
CA ILE A 152 7.13 5.93 9.26
C ILE A 152 5.76 5.34 8.94
N PRO A 153 4.98 5.02 9.99
CA PRO A 153 3.65 4.40 9.83
C PRO A 153 2.70 5.22 8.97
N GLN A 154 2.63 6.52 9.22
CA GLN A 154 1.73 7.41 8.49
C GLN A 154 2.29 8.83 8.47
N ALA A 155 2.15 9.53 7.35
CA ALA A 155 2.65 10.89 7.25
C ALA A 155 2.10 11.65 6.03
N ASP A 156 1.85 12.94 6.21
CA ASP A 156 1.43 13.80 5.11
C ASP A 156 2.63 14.27 4.29
N LEU A 157 2.35 14.91 3.17
CA LEU A 157 3.38 15.54 2.37
C LEU A 157 3.82 16.84 3.01
N LYS A 158 5.07 17.23 2.78
CA LYS A 158 5.60 18.48 3.31
C LYS A 158 5.57 18.52 4.84
N SER A 159 5.72 17.37 5.47
CA SER A 159 5.71 17.28 6.93
C SER A 159 7.12 17.06 7.47
N GLY A 160 7.27 17.16 8.79
CA GLY A 160 8.55 16.89 9.43
C GLY A 160 8.98 15.46 9.18
N SER A 161 8.01 14.55 9.18
CA SER A 161 8.27 13.16 8.89
C SER A 161 8.99 13.02 7.55
N MET A 162 8.56 13.79 6.56
CA MET A 162 9.15 13.71 5.23
C MET A 162 10.58 14.25 5.21
N SER A 163 10.81 15.31 5.98
CA SER A 163 12.17 15.84 6.13
C SER A 163 13.07 14.78 6.75
N SER A 164 12.55 14.10 7.76
CA SER A 164 13.31 13.04 8.41
C SER A 164 13.55 11.88 7.45
N ALA A 165 12.56 11.62 6.59
CA ALA A 165 12.69 10.58 5.59
C ALA A 165 13.83 10.89 4.62
N ARG A 166 13.97 12.16 4.25
CA ARG A 166 15.06 12.56 3.37
C ARG A 166 16.40 12.43 4.08
N LEU A 167 16.41 12.68 5.38
CA LEU A 167 17.61 12.47 6.18
C LEU A 167 17.99 10.99 6.22
N ALA A 168 16.98 10.13 6.36
CA ALA A 168 17.21 8.70 6.37
C ALA A 168 17.85 8.26 5.05
N GLN A 169 17.32 8.78 3.94
CA GLN A 169 17.89 8.46 2.62
C GLN A 169 19.34 8.96 2.50
N LYS A 170 19.56 10.20 2.93
CA LYS A 170 20.89 10.79 2.88
C LYS A 170 21.92 9.92 3.60
N TYR A 171 21.50 9.33 4.72
CA TYR A 171 22.39 8.52 5.55
C TYR A 171 22.18 7.02 5.36
N GLN A 172 21.42 6.66 4.32
CA GLN A 172 21.19 5.25 3.98
C GLN A 172 20.71 4.43 5.16
N LYS A 173 19.79 5.01 5.93
CA LYS A 173 19.11 4.29 7.00
C LYS A 173 17.88 3.64 6.38
N PRO A 174 17.81 2.30 6.38
CA PRO A 174 16.66 1.64 5.77
C PRO A 174 15.33 2.23 6.24
N LEU A 175 14.43 2.43 5.28
CA LEU A 175 13.20 3.17 5.51
C LEU A 175 11.99 2.31 5.17
N PHE A 176 11.10 2.14 6.15
CA PHE A 176 9.89 1.31 5.99
C PHE A 176 8.64 2.10 6.35
N VAL A 177 7.55 1.81 5.65
CA VAL A 177 6.29 2.51 5.88
C VAL A 177 5.16 1.49 5.92
N LEU A 178 4.06 1.84 6.58
CA LEU A 178 2.86 1.01 6.55
C LEU A 178 2.17 1.18 5.22
N PRO A 179 1.60 0.08 4.68
CA PRO A 179 0.77 0.21 3.49
C PRO A 179 -0.44 1.09 3.82
N GLN A 180 -0.77 2.00 2.92
CA GLN A 180 -1.81 2.99 3.16
C GLN A 180 -2.70 3.16 1.93
N ARG A 181 -3.95 3.51 2.15
CA ARG A 181 -4.86 3.72 1.03
C ARG A 181 -4.49 4.96 0.23
N LEU A 182 -5.04 5.03 -0.98
CA LEU A 182 -4.85 6.17 -1.86
C LEU A 182 -5.36 7.45 -1.20
N ASN A 183 -4.73 8.57 -1.53
CA ASN A 183 -5.14 9.88 -1.04
C ASN A 183 -5.15 10.02 0.49
N GLU A 184 -4.63 9.01 1.17
CA GLU A 184 -4.36 9.12 2.59
C GLU A 184 -2.87 8.80 2.80
N SER A 185 -2.29 9.36 3.86
CA SER A 185 -0.87 9.21 4.12
C SER A 185 -0.06 9.48 2.85
N ASP A 186 -0.23 10.69 2.30
CA ASP A 186 0.38 11.04 1.02
C ASP A 186 1.89 10.95 1.03
N GLY A 187 2.51 11.36 2.14
CA GLY A 187 3.95 11.36 2.25
C GLY A 187 4.54 9.97 2.13
N THR A 188 4.00 9.02 2.89
CA THR A 188 4.53 7.67 2.88
C THR A 188 4.26 6.94 1.57
N ASN A 189 3.11 7.23 0.94
CA ASN A 189 2.83 6.63 -0.36
C ASN A 189 3.75 7.13 -1.45
N GLU A 190 4.15 8.40 -1.37
CA GLU A 190 5.14 8.94 -2.30
C GLU A 190 6.48 8.24 -2.13
N LEU A 191 6.83 7.92 -0.89
CA LEU A 191 8.06 7.17 -0.64
C LEU A 191 8.00 5.82 -1.33
N LEU A 192 6.85 5.14 -1.21
CA LEU A 192 6.64 3.86 -1.86
C LEU A 192 6.70 3.99 -3.38
N GLU A 193 6.00 4.99 -3.90
CA GLU A 193 5.93 5.20 -5.34
C GLU A 193 7.33 5.39 -5.93
N LYS A 194 8.19 6.10 -5.20
CA LYS A 194 9.51 6.42 -5.71
C LYS A 194 10.56 5.39 -5.29
N GLY A 195 10.11 4.30 -4.66
CA GLY A 195 11.01 3.24 -4.26
C GLY A 195 12.01 3.68 -3.20
N GLN A 196 11.62 4.66 -2.40
CA GLN A 196 12.49 5.21 -1.37
C GLN A 196 12.26 4.56 0.00
N ALA A 197 11.19 3.78 0.09
CA ALA A 197 10.90 3.01 1.29
C ALA A 197 10.28 1.67 0.92
N GLN A 198 10.46 0.68 1.78
CA GLN A 198 9.80 -0.60 1.62
C GLN A 198 8.55 -0.65 2.50
N GLY A 199 7.55 -1.38 2.05
CA GLY A 199 6.35 -1.55 2.84
C GLY A 199 6.47 -2.70 3.82
N ILE A 200 5.79 -2.56 4.96
CA ILE A 200 5.70 -3.65 5.92
C ILE A 200 4.40 -4.42 5.69
N PHE A 201 4.50 -5.54 4.96
CA PHE A 201 3.31 -6.31 4.61
C PHE A 201 3.05 -7.43 5.61
N ASN A 202 4.01 -7.65 6.52
CA ASN A 202 3.85 -8.64 7.58
C ASN A 202 4.78 -8.33 8.74
N ILE A 203 4.20 -7.91 9.86
CA ILE A 203 4.95 -7.40 11.00
C ILE A 203 5.92 -8.43 11.59
N GLN A 204 5.43 -9.64 11.85
CA GLN A 204 6.28 -10.70 12.39
C GLN A 204 7.43 -11.03 11.44
N ASN A 205 7.13 -11.10 10.15
CA ASN A 205 8.15 -11.33 9.13
C ASN A 205 9.21 -10.25 9.13
N PHE A 206 8.74 -9.00 9.01
CA PHE A 206 9.58 -7.82 9.00
C PHE A 206 10.57 -7.88 10.16
N ILE A 207 10.07 -8.14 11.36
CA ILE A 207 10.90 -8.17 12.55
C ILE A 207 11.95 -9.27 12.50
N ASN A 208 11.54 -10.49 12.17
CA ASN A 208 12.49 -11.59 12.04
C ASN A 208 13.58 -11.30 11.01
N THR A 209 13.21 -10.58 9.96
CA THR A 209 14.18 -10.19 8.94
C THR A 209 15.19 -9.17 9.48
N LEU A 210 14.74 -8.26 10.35
CA LEU A 210 15.66 -7.32 10.97
C LEU A 210 16.59 -8.06 11.92
N LEU A 211 16.01 -8.95 12.71
CA LEU A 211 16.78 -9.72 13.69
C LEU A 211 17.91 -10.51 13.04
N LYS A 212 17.63 -11.11 11.88
CA LYS A 212 18.63 -11.94 11.21
C LYS A 212 19.69 -11.12 10.49
N ASP A 213 19.94 -9.91 10.96
CA ASP A 213 20.96 -9.04 10.39
C ASP A 213 21.97 -8.65 11.46
N MET B 1 -30.71 -19.03 -15.75
CA MET B 1 -31.38 -17.91 -16.40
C MET B 1 -30.99 -17.80 -17.87
N LYS B 2 -31.98 -17.94 -18.74
CA LYS B 2 -31.77 -17.78 -20.18
C LYS B 2 -31.59 -16.31 -20.55
N SER B 3 -30.62 -16.05 -21.43
CA SER B 3 -30.36 -14.70 -21.87
C SER B 3 -31.29 -14.26 -23.00
N HIS B 4 -31.63 -15.20 -23.86
CA HIS B 4 -32.30 -14.93 -25.13
C HIS B 4 -31.48 -14.05 -26.05
N PHE B 5 -30.17 -14.02 -25.83
CA PHE B 5 -29.25 -13.32 -26.72
C PHE B 5 -29.23 -14.01 -28.07
N GLN B 6 -29.17 -13.20 -29.13
CA GLN B 6 -28.89 -13.71 -30.46
C GLN B 6 -27.39 -13.56 -30.66
N TYR B 7 -26.67 -14.67 -30.77
CA TYR B 7 -25.22 -14.58 -30.88
C TYR B 7 -24.66 -15.31 -32.10
N SER B 8 -23.45 -14.93 -32.47
CA SER B 8 -22.82 -15.50 -33.66
C SER B 8 -21.44 -15.99 -33.28
N THR B 9 -20.57 -16.13 -34.27
CA THR B 9 -19.20 -16.56 -34.03
C THR B 9 -18.27 -15.51 -34.62
N LEU B 10 -17.14 -15.28 -33.96
CA LEU B 10 -16.11 -14.41 -34.53
C LEU B 10 -15.61 -15.03 -35.83
N GLU B 11 -15.28 -14.20 -36.82
CA GLU B 11 -14.90 -14.76 -38.11
C GLU B 11 -13.57 -15.50 -37.99
N ASN B 12 -12.75 -15.07 -37.02
CA ASN B 12 -11.62 -15.87 -36.57
C ASN B 12 -11.09 -15.41 -35.21
N ILE B 13 -10.22 -16.21 -34.63
CA ILE B 13 -9.69 -15.96 -33.30
C ILE B 13 -8.73 -14.78 -33.30
N PRO B 14 -9.00 -13.77 -32.45
CA PRO B 14 -8.08 -12.64 -32.37
C PRO B 14 -6.66 -13.09 -32.09
N LYS B 15 -5.71 -12.33 -32.64
CA LYS B 15 -4.30 -12.67 -32.57
C LYS B 15 -3.80 -12.80 -31.13
N ALA B 16 -4.31 -11.95 -30.24
CA ALA B 16 -3.86 -11.95 -28.86
C ALA B 16 -3.97 -13.32 -28.20
N PHE B 17 -4.91 -14.14 -28.68
CA PHE B 17 -5.17 -15.41 -28.02
C PHE B 17 -4.14 -16.49 -28.37
N ASP B 18 -3.36 -16.26 -29.40
CA ASP B 18 -2.45 -17.29 -29.92
C ASP B 18 -1.22 -17.52 -29.04
N ILE B 19 -1.10 -16.77 -27.95
CA ILE B 19 -0.02 -16.99 -26.99
C ILE B 19 -0.33 -18.16 -26.06
N LEU B 20 -1.60 -18.48 -25.91
CA LEU B 20 -2.04 -19.49 -24.95
C LEU B 20 -1.62 -20.90 -25.36
N LYS B 21 -1.36 -21.75 -24.37
CA LYS B 21 -0.93 -23.12 -24.64
C LYS B 21 -2.06 -23.96 -25.22
N ASP B 22 -3.29 -23.47 -25.05
CA ASP B 22 -4.46 -24.13 -25.63
C ASP B 22 -5.49 -23.05 -26.00
N PRO B 23 -5.26 -22.38 -27.14
CA PRO B 23 -6.11 -21.25 -27.54
C PRO B 23 -7.50 -21.75 -27.91
N PRO B 24 -8.51 -20.88 -27.75
CA PRO B 24 -9.88 -21.27 -28.11
C PRO B 24 -9.97 -21.50 -29.62
N LYS B 25 -10.61 -22.57 -30.03
CA LYS B 25 -10.75 -22.88 -31.45
C LYS B 25 -11.86 -22.04 -32.06
N LYS B 26 -12.83 -21.68 -31.22
CA LYS B 26 -13.94 -20.83 -31.64
C LYS B 26 -14.35 -19.89 -30.53
N LEU B 27 -14.80 -18.69 -30.90
CA LEU B 27 -15.34 -17.75 -29.93
C LEU B 27 -16.71 -17.26 -30.39
N TYR B 28 -17.69 -17.38 -29.51
CA TYR B 28 -19.04 -16.91 -29.81
C TYR B 28 -19.14 -15.48 -29.31
N CYS B 29 -19.97 -14.68 -29.98
CA CYS B 29 -20.03 -13.25 -29.70
C CYS B 29 -21.43 -12.68 -29.79
N VAL B 30 -21.68 -11.68 -28.94
CA VAL B 30 -22.86 -10.85 -29.08
C VAL B 30 -22.40 -9.41 -28.84
N GLY B 31 -22.82 -8.51 -29.72
CA GLY B 31 -22.45 -7.12 -29.60
C GLY B 31 -21.45 -6.64 -30.63
N ASP B 32 -20.73 -5.58 -30.28
CA ASP B 32 -19.89 -4.83 -31.20
C ASP B 32 -18.47 -5.40 -31.30
N THR B 33 -18.25 -6.25 -32.30
CA THR B 33 -16.95 -6.91 -32.47
C THR B 33 -15.84 -5.94 -32.84
N LYS B 34 -16.19 -4.70 -33.17
CA LYS B 34 -15.17 -3.70 -33.50
C LYS B 34 -14.34 -3.30 -32.29
N LEU B 35 -14.83 -3.62 -31.10
CA LEU B 35 -14.09 -3.31 -29.88
C LEU B 35 -12.79 -4.10 -29.78
N LEU B 36 -12.69 -5.19 -30.54
CA LEU B 36 -11.49 -6.02 -30.50
C LEU B 36 -10.30 -5.32 -31.16
N ASP B 37 -10.56 -4.22 -31.86
CA ASP B 37 -9.51 -3.50 -32.56
C ASP B 37 -9.00 -2.30 -31.78
N THR B 38 -9.61 -2.06 -30.62
CA THR B 38 -9.20 -0.96 -29.77
C THR B 38 -7.72 -1.13 -29.37
N PRO B 39 -6.93 -0.08 -29.60
CA PRO B 39 -5.48 -0.09 -29.36
C PRO B 39 -5.14 -0.53 -27.94
N LEU B 40 -5.75 0.11 -26.94
CA LEU B 40 -5.46 -0.20 -25.55
C LEU B 40 -6.60 -0.97 -24.91
N LYS B 41 -6.34 -2.22 -24.55
CA LYS B 41 -7.30 -3.03 -23.81
C LYS B 41 -6.78 -3.20 -22.38
N VAL B 42 -7.59 -2.82 -21.41
CA VAL B 42 -7.19 -2.92 -20.01
C VAL B 42 -8.14 -3.82 -19.24
N ALA B 43 -7.60 -4.83 -18.58
CA ALA B 43 -8.41 -5.74 -17.78
C ALA B 43 -8.60 -5.15 -16.40
N ILE B 44 -9.83 -5.14 -15.91
CA ILE B 44 -10.06 -4.78 -14.51
C ILE B 44 -10.80 -5.91 -13.83
N ILE B 45 -10.10 -6.63 -12.97
CA ILE B 45 -10.63 -7.80 -12.30
C ILE B 45 -10.35 -7.67 -10.81
N GLY B 46 -11.07 -8.41 -9.99
CA GLY B 46 -10.85 -8.37 -8.56
C GLY B 46 -11.92 -9.07 -7.75
N THR B 47 -11.84 -8.90 -6.44
CA THR B 47 -12.77 -9.52 -5.51
C THR B 47 -14.23 -9.22 -5.83
N ARG B 48 -15.10 -10.17 -5.52
CA ARG B 48 -16.53 -9.99 -5.70
C ARG B 48 -17.14 -9.19 -4.55
N ARG B 49 -16.34 -8.87 -3.54
CA ARG B 49 -16.81 -8.10 -2.40
C ARG B 49 -15.88 -6.92 -2.11
N PRO B 50 -15.87 -5.92 -3.00
CA PRO B 50 -15.00 -4.75 -2.81
C PRO B 50 -15.46 -3.90 -1.64
N THR B 51 -14.51 -3.26 -0.97
CA THR B 51 -14.84 -2.27 0.04
C THR B 51 -15.35 -1.06 -0.69
N PRO B 52 -16.01 -0.13 0.03
CA PRO B 52 -16.38 1.15 -0.57
C PRO B 52 -15.15 1.84 -1.15
N TYR B 53 -14.03 1.73 -0.45
CA TYR B 53 -12.77 2.29 -0.94
C TYR B 53 -12.42 1.77 -2.33
N SER B 54 -12.35 0.44 -2.48
CA SER B 54 -11.96 -0.16 -3.75
C SER B 54 -12.98 0.15 -4.83
N LYS B 55 -14.25 0.15 -4.45
CA LYS B 55 -15.33 0.47 -5.39
C LYS B 55 -15.19 1.87 -5.98
N GLN B 56 -14.97 2.88 -5.15
CA GLN B 56 -14.93 4.24 -5.67
C GLN B 56 -13.79 4.44 -6.67
N HIS B 57 -12.63 3.86 -6.39
CA HIS B 57 -11.50 4.00 -7.29
C HIS B 57 -11.59 3.12 -8.54
N THR B 58 -12.27 1.98 -8.43
CA THR B 58 -12.52 1.16 -9.59
C THR B 58 -13.38 1.94 -10.56
N ILE B 59 -14.36 2.65 -10.01
CA ILE B 59 -15.25 3.49 -10.82
C ILE B 59 -14.46 4.56 -11.57
N THR B 60 -13.56 5.23 -10.89
CA THR B 60 -12.75 6.27 -11.53
C THR B 60 -11.82 5.69 -12.59
N LEU B 61 -11.14 4.59 -12.28
CA LEU B 61 -10.26 3.93 -13.24
C LEU B 61 -11.00 3.54 -14.52
N ALA B 62 -12.15 2.91 -14.37
CA ALA B 62 -12.92 2.43 -15.51
C ALA B 62 -13.43 3.58 -16.37
N ARG B 63 -14.03 4.58 -15.74
CA ARG B 63 -14.58 5.72 -16.47
C ARG B 63 -13.49 6.49 -17.20
N GLU B 64 -12.42 6.82 -16.48
CA GLU B 64 -11.37 7.64 -17.05
C GLU B 64 -10.62 6.93 -18.17
N LEU B 65 -10.50 5.60 -18.06
CA LEU B 65 -9.85 4.84 -19.11
C LEU B 65 -10.72 4.83 -20.36
N ALA B 66 -12.02 4.68 -20.17
CA ALA B 66 -12.97 4.73 -21.27
C ALA B 66 -12.94 6.11 -21.93
N LYS B 67 -12.97 7.15 -21.12
CA LYS B 67 -12.85 8.52 -21.64
C LYS B 67 -11.60 8.63 -22.50
N ASN B 68 -10.51 8.04 -22.04
CA ASN B 68 -9.25 8.09 -22.76
C ASN B 68 -9.17 7.09 -23.93
N GLY B 69 -10.33 6.59 -24.35
CA GLY B 69 -10.42 5.72 -25.50
C GLY B 69 -9.91 4.30 -25.30
N ALA B 70 -9.84 3.86 -24.06
CA ALA B 70 -9.45 2.48 -23.77
C ALA B 70 -10.68 1.58 -23.65
N VAL B 71 -10.52 0.29 -23.90
CA VAL B 71 -11.61 -0.67 -23.66
C VAL B 71 -11.32 -1.49 -22.41
N ILE B 72 -12.34 -1.67 -21.58
CA ILE B 72 -12.18 -2.37 -20.32
C ILE B 72 -12.60 -3.83 -20.49
N VAL B 73 -11.70 -4.75 -20.14
CA VAL B 73 -11.97 -6.18 -20.29
C VAL B 73 -12.14 -6.85 -18.94
N SER B 74 -13.22 -7.59 -18.77
CA SER B 74 -13.45 -8.27 -17.50
C SER B 74 -14.35 -9.49 -17.68
N GLY B 75 -14.76 -10.10 -16.58
CA GLY B 75 -15.55 -11.31 -16.64
C GLY B 75 -17.00 -11.18 -16.18
N GLY B 76 -17.47 -9.95 -16.01
CA GLY B 76 -18.84 -9.71 -15.60
C GLY B 76 -19.21 -10.25 -14.23
N ALA B 77 -18.22 -10.56 -13.41
CA ALA B 77 -18.46 -11.08 -12.05
C ALA B 77 -19.06 -10.03 -11.13
N LEU B 78 -19.71 -10.50 -10.07
CA LEU B 78 -20.10 -9.62 -8.96
C LEU B 78 -18.89 -8.80 -8.50
N GLY B 79 -19.15 -7.62 -7.97
CA GLY B 79 -18.08 -6.82 -7.39
C GLY B 79 -17.26 -6.02 -8.38
N VAL B 80 -15.93 -6.14 -8.26
CA VAL B 80 -15.03 -5.34 -9.07
C VAL B 80 -15.32 -5.41 -10.57
N ASP B 81 -15.44 -6.62 -11.10
CA ASP B 81 -15.73 -6.82 -12.53
C ASP B 81 -16.88 -5.94 -13.05
N ILE B 82 -18.07 -6.15 -12.49
CA ILE B 82 -19.26 -5.52 -13.05
C ILE B 82 -19.31 -4.02 -12.77
N ILE B 83 -18.69 -3.58 -11.68
CA ILE B 83 -18.57 -2.17 -11.39
C ILE B 83 -17.79 -1.48 -12.51
N ALA B 84 -16.65 -2.07 -12.87
CA ALA B 84 -15.79 -1.52 -13.90
C ALA B 84 -16.45 -1.57 -15.26
N GLN B 85 -17.09 -2.69 -15.57
CA GLN B 85 -17.72 -2.81 -16.87
C GLN B 85 -18.90 -1.85 -17.01
N GLU B 86 -19.73 -1.73 -15.99
CA GLU B 86 -20.86 -0.81 -16.10
C GLU B 86 -20.38 0.63 -16.29
N ASN B 87 -19.30 0.99 -15.60
CA ASN B 87 -18.79 2.36 -15.68
C ASN B 87 -17.93 2.60 -16.92
N ALA B 88 -17.65 1.52 -17.66
CA ALA B 88 -16.86 1.62 -18.88
C ALA B 88 -17.75 1.63 -20.12
N LEU B 89 -19.04 1.36 -19.93
CA LEU B 89 -19.98 1.28 -21.04
C LEU B 89 -20.00 2.56 -21.86
N PRO B 90 -20.12 2.43 -23.19
CA PRO B 90 -20.28 1.14 -23.86
C PRO B 90 -18.95 0.43 -24.18
N LYS B 91 -17.82 1.04 -23.86
CA LYS B 91 -16.53 0.46 -24.24
C LYS B 91 -16.02 -0.60 -23.29
N THR B 92 -16.69 -1.76 -23.29
CA THR B 92 -16.30 -2.85 -22.42
C THR B 92 -16.51 -4.19 -23.11
N ILE B 93 -15.61 -5.13 -22.84
CA ILE B 93 -15.71 -6.49 -23.37
C ILE B 93 -15.74 -7.46 -22.20
N MET B 94 -16.78 -8.29 -22.16
CA MET B 94 -16.93 -9.32 -21.13
C MET B 94 -16.52 -10.67 -21.70
N LEU B 95 -15.77 -11.46 -20.92
CA LEU B 95 -15.52 -12.85 -21.27
C LEU B 95 -16.32 -13.73 -20.31
N SER B 96 -17.27 -14.48 -20.87
CA SER B 96 -18.24 -15.21 -20.06
C SER B 96 -17.73 -16.59 -19.66
N PRO B 97 -18.03 -17.01 -18.42
CA PRO B 97 -17.65 -18.34 -17.96
C PRO B 97 -18.67 -19.40 -18.41
N CYS B 98 -19.72 -18.96 -19.09
CA CYS B 98 -20.76 -19.85 -19.58
C CYS B 98 -21.09 -19.53 -21.03
N SER B 99 -21.92 -20.35 -21.66
CA SER B 99 -22.34 -20.07 -23.03
C SER B 99 -23.24 -18.84 -23.01
N LEU B 100 -23.42 -18.23 -24.17
CA LEU B 100 -24.09 -16.93 -24.26
C LEU B 100 -25.60 -17.01 -24.17
N ASP B 101 -26.13 -18.24 -24.13
CA ASP B 101 -27.56 -18.43 -23.94
C ASP B 101 -27.94 -18.36 -22.46
N PHE B 102 -26.94 -18.25 -21.59
CA PHE B 102 -27.20 -18.11 -20.15
C PHE B 102 -26.65 -16.80 -19.59
N ILE B 103 -27.30 -16.32 -18.54
CA ILE B 103 -26.83 -15.14 -17.81
C ILE B 103 -26.21 -15.58 -16.49
N TYR B 104 -24.96 -15.22 -16.28
CA TYR B 104 -24.31 -15.46 -15.00
C TYR B 104 -23.30 -14.36 -14.70
N PRO B 105 -23.32 -13.85 -13.46
CA PRO B 105 -24.28 -14.16 -12.41
C PRO B 105 -25.63 -13.48 -12.65
N THR B 106 -26.70 -14.08 -12.16
CA THR B 106 -28.03 -13.54 -12.42
C THR B 106 -28.25 -12.15 -11.84
N ASN B 107 -27.59 -11.84 -10.73
CA ASN B 107 -27.71 -10.53 -10.09
C ASN B 107 -27.21 -9.43 -11.00
N ASN B 108 -26.36 -9.79 -11.95
CA ASN B 108 -25.83 -8.82 -12.89
C ASN B 108 -26.59 -8.80 -14.23
N HIS B 109 -27.77 -9.40 -14.26
CA HIS B 109 -28.47 -9.53 -15.54
C HIS B 109 -28.67 -8.20 -16.26
N LYS B 110 -29.01 -7.13 -15.53
CA LYS B 110 -29.25 -5.84 -16.19
C LYS B 110 -28.02 -5.26 -16.89
N VAL B 111 -26.87 -5.26 -16.20
CA VAL B 111 -25.65 -4.74 -16.81
C VAL B 111 -25.17 -5.67 -17.93
N ILE B 112 -25.29 -6.97 -17.73
CA ILE B 112 -24.86 -7.92 -18.74
C ILE B 112 -25.68 -7.73 -20.02
N GLN B 113 -26.98 -7.50 -19.89
CA GLN B 113 -27.80 -7.17 -21.06
C GLN B 113 -27.29 -5.88 -21.75
N GLU B 114 -26.89 -4.90 -20.95
CA GLU B 114 -26.42 -3.64 -21.52
C GLU B 114 -25.10 -3.84 -22.26
N ILE B 115 -24.26 -4.74 -21.76
CA ILE B 115 -23.01 -5.08 -22.44
C ILE B 115 -23.28 -5.79 -23.78
N ALA B 116 -24.22 -6.73 -23.80
CA ALA B 116 -24.55 -7.43 -25.04
C ALA B 116 -25.09 -6.43 -26.07
N GLN B 117 -25.84 -5.44 -25.59
CA GLN B 117 -26.45 -4.45 -26.47
C GLN B 117 -25.43 -3.42 -27.01
N ASN B 118 -24.62 -2.86 -26.11
CA ASN B 118 -23.76 -1.74 -26.46
C ASN B 118 -22.25 -2.03 -26.40
N GLY B 119 -21.89 -3.12 -25.74
CA GLY B 119 -20.51 -3.54 -25.66
C GLY B 119 -20.30 -4.82 -26.45
N LEU B 120 -19.53 -5.75 -25.89
CA LEU B 120 -19.28 -7.04 -26.53
C LEU B 120 -19.12 -8.12 -25.49
N ILE B 121 -19.76 -9.26 -25.71
CA ILE B 121 -19.55 -10.44 -24.87
C ILE B 121 -19.02 -11.60 -25.70
N LEU B 122 -17.96 -12.24 -25.24
CA LEU B 122 -17.39 -13.42 -25.90
C LEU B 122 -17.48 -14.64 -25.00
N SER B 123 -17.60 -15.81 -25.62
CA SER B 123 -17.60 -17.06 -24.87
C SER B 123 -16.92 -18.17 -25.65
N GLU B 124 -16.25 -19.07 -24.94
CA GLU B 124 -15.58 -20.22 -25.54
C GLU B 124 -16.57 -21.37 -25.72
N TYR B 125 -17.75 -21.24 -25.13
CA TYR B 125 -18.73 -22.32 -25.11
C TYR B 125 -19.97 -22.00 -25.94
N GLU B 126 -20.34 -22.93 -26.82
CA GLU B 126 -21.40 -22.68 -27.81
C GLU B 126 -22.79 -22.50 -27.20
N LYS B 127 -23.21 -23.47 -26.39
CA LYS B 127 -24.58 -23.47 -25.88
C LYS B 127 -24.76 -24.43 -24.72
N ASP B 128 -25.84 -24.25 -23.98
CA ASP B 128 -26.21 -25.17 -22.92
C ASP B 128 -25.03 -25.49 -22.01
N PHE B 129 -24.22 -24.49 -21.72
CA PHE B 129 -23.06 -24.67 -20.86
C PHE B 129 -23.12 -23.71 -19.68
N MET B 130 -23.51 -24.24 -18.53
CA MET B 130 -23.50 -23.45 -17.30
C MET B 130 -22.09 -23.35 -16.74
N PRO B 131 -21.80 -22.26 -15.99
CA PRO B 131 -20.47 -22.07 -15.41
C PRO B 131 -20.09 -23.23 -14.49
N ILE B 132 -18.82 -23.58 -14.51
CA ILE B 132 -18.29 -24.65 -13.67
C ILE B 132 -16.88 -24.26 -13.28
N LYS B 133 -16.35 -24.88 -12.22
CA LYS B 133 -15.01 -24.54 -11.73
C LYS B 133 -14.00 -24.37 -12.87
N GLY B 134 -13.97 -25.35 -13.77
CA GLY B 134 -13.03 -25.30 -14.88
C GLY B 134 -13.26 -24.14 -15.83
N SER B 135 -14.52 -23.76 -16.04
CA SER B 135 -14.82 -22.68 -17.00
C SER B 135 -14.44 -21.28 -16.49
N PHE B 136 -14.47 -21.07 -15.18
CA PHE B 136 -14.02 -19.80 -14.62
C PHE B 136 -12.54 -19.63 -14.85
N LEU B 137 -11.78 -20.67 -14.58
CA LEU B 137 -10.33 -20.62 -14.72
C LEU B 137 -9.92 -20.50 -16.20
N ALA B 138 -10.65 -21.21 -17.06
CA ALA B 138 -10.43 -21.10 -18.51
C ALA B 138 -10.69 -19.68 -18.99
N ARG B 139 -11.84 -19.14 -18.60
CA ARG B 139 -12.24 -17.77 -18.92
C ARG B 139 -11.16 -16.76 -18.52
N ASN B 140 -10.57 -16.95 -17.35
CA ASN B 140 -9.57 -16.03 -16.84
C ASN B 140 -8.40 -15.88 -17.80
N ARG B 141 -7.95 -16.99 -18.38
CA ARG B 141 -6.83 -16.96 -19.32
C ARG B 141 -7.14 -16.09 -20.54
N LEU B 142 -8.41 -16.09 -20.95
CA LEU B 142 -8.83 -15.28 -22.09
C LEU B 142 -8.84 -13.78 -21.75
N VAL B 143 -9.23 -13.45 -20.52
CA VAL B 143 -9.19 -12.07 -20.07
C VAL B 143 -7.75 -11.57 -20.14
N ILE B 144 -6.84 -12.39 -19.60
CA ILE B 144 -5.43 -12.02 -19.55
C ILE B 144 -4.82 -11.91 -20.94
N ALA B 145 -5.05 -12.94 -21.76
CA ALA B 145 -4.55 -12.96 -23.13
C ALA B 145 -4.99 -11.76 -23.95
N LEU B 146 -6.27 -11.41 -23.85
CA LEU B 146 -6.82 -10.31 -24.65
C LEU B 146 -6.30 -8.95 -24.19
N SER B 147 -6.00 -8.82 -22.90
CA SER B 147 -5.69 -7.51 -22.32
C SER B 147 -4.22 -7.15 -22.45
N ASP B 148 -3.93 -5.85 -22.59
CA ASP B 148 -2.57 -5.35 -22.64
C ASP B 148 -2.02 -5.05 -21.25
N VAL B 149 -2.90 -4.64 -20.36
CA VAL B 149 -2.54 -4.32 -18.97
C VAL B 149 -3.58 -4.95 -18.05
N VAL B 150 -3.16 -5.36 -16.87
CA VAL B 150 -4.09 -5.94 -15.90
C VAL B 150 -4.11 -5.17 -14.58
N ILE B 151 -5.28 -4.61 -14.27
CA ILE B 151 -5.47 -3.89 -13.02
C ILE B 151 -6.28 -4.73 -12.06
N ILE B 152 -5.72 -4.98 -10.88
CA ILE B 152 -6.42 -5.73 -9.84
C ILE B 152 -6.60 -4.83 -8.61
N PRO B 153 -7.71 -4.08 -8.57
CA PRO B 153 -7.97 -3.08 -7.52
C PRO B 153 -7.89 -3.66 -6.11
N GLN B 154 -8.50 -4.82 -5.89
CA GLN B 154 -8.50 -5.46 -4.58
C GLN B 154 -8.73 -6.95 -4.75
N ALA B 155 -8.04 -7.77 -3.95
CA ALA B 155 -8.22 -9.21 -4.05
C ALA B 155 -7.69 -9.96 -2.82
N ASP B 156 -8.25 -11.14 -2.57
CA ASP B 156 -7.78 -12.01 -1.51
C ASP B 156 -6.72 -12.96 -2.07
N LEU B 157 -5.90 -13.52 -1.17
CA LEU B 157 -4.93 -14.54 -1.55
C LEU B 157 -5.64 -15.78 -2.05
N LYS B 158 -4.93 -16.61 -2.81
CA LYS B 158 -5.49 -17.82 -3.40
C LYS B 158 -6.93 -17.62 -3.88
N SER B 159 -7.11 -16.70 -4.83
CA SER B 159 -8.43 -16.42 -5.39
C SER B 159 -8.38 -16.50 -6.90
N GLY B 160 -9.53 -16.37 -7.54
CA GLY B 160 -9.59 -16.32 -8.99
C GLY B 160 -8.74 -15.17 -9.51
N SER B 161 -8.77 -14.05 -8.79
CA SER B 161 -7.99 -12.88 -9.15
C SER B 161 -6.50 -13.19 -9.12
N MET B 162 -6.07 -13.94 -8.10
CA MET B 162 -4.67 -14.31 -7.96
C MET B 162 -4.26 -15.27 -9.07
N SER B 163 -5.14 -16.21 -9.37
CA SER B 163 -4.95 -17.09 -10.52
C SER B 163 -4.64 -16.25 -11.76
N SER B 164 -5.42 -15.20 -11.95
CA SER B 164 -5.25 -14.31 -13.09
C SER B 164 -3.91 -13.57 -13.02
N ALA B 165 -3.52 -13.18 -11.82
CA ALA B 165 -2.21 -12.54 -11.63
C ALA B 165 -1.10 -13.47 -12.08
N ARG B 166 -1.26 -14.75 -11.79
CA ARG B 166 -0.28 -15.76 -12.18
C ARG B 166 -0.18 -15.85 -13.71
N LEU B 167 -1.33 -15.77 -14.36
CA LEU B 167 -1.39 -15.81 -15.83
C LEU B 167 -0.78 -14.54 -16.43
N ALA B 168 -1.08 -13.40 -15.83
CA ALA B 168 -0.53 -12.13 -16.29
C ALA B 168 0.99 -12.20 -16.31
N GLN B 169 1.55 -12.70 -15.21
CA GLN B 169 3.00 -12.86 -15.14
C GLN B 169 3.47 -13.82 -16.22
N LYS B 170 2.84 -14.99 -16.29
CA LYS B 170 3.23 -16.00 -17.27
C LYS B 170 3.26 -15.45 -18.69
N TYR B 171 2.24 -14.67 -19.05
CA TYR B 171 2.13 -14.14 -20.41
C TYR B 171 2.59 -12.69 -20.53
N GLN B 172 3.47 -12.27 -19.62
CA GLN B 172 4.13 -10.97 -19.69
C GLN B 172 3.16 -9.80 -19.86
N LYS B 173 2.06 -9.83 -19.10
CA LYS B 173 1.13 -8.70 -19.04
C LYS B 173 1.35 -7.93 -17.74
N PRO B 174 1.74 -6.65 -17.85
CA PRO B 174 2.04 -5.85 -16.66
C PRO B 174 0.85 -5.77 -15.70
N LEU B 175 1.13 -6.01 -14.42
CA LEU B 175 0.12 -5.93 -13.37
C LEU B 175 0.15 -4.56 -12.70
N PHE B 176 -1.03 -4.12 -12.24
CA PHE B 176 -1.15 -2.91 -11.44
C PHE B 176 -2.22 -3.11 -10.38
N VAL B 177 -2.02 -2.52 -9.20
CA VAL B 177 -3.00 -2.65 -8.12
C VAL B 177 -3.28 -1.32 -7.46
N LEU B 178 -4.33 -1.28 -6.64
CA LEU B 178 -4.59 -0.14 -5.76
C LEU B 178 -3.84 -0.35 -4.46
N PRO B 179 -3.34 0.74 -3.86
CA PRO B 179 -2.79 0.66 -2.51
C PRO B 179 -3.86 0.16 -1.53
N GLN B 180 -3.51 -0.77 -0.67
CA GLN B 180 -4.46 -1.35 0.27
C GLN B 180 -3.85 -1.50 1.66
N ARG B 181 -4.68 -1.32 2.68
CA ARG B 181 -4.24 -1.46 4.05
C ARG B 181 -3.80 -2.88 4.38
N LEU B 182 -3.04 -3.02 5.46
CA LEU B 182 -2.61 -4.32 5.95
C LEU B 182 -3.85 -5.14 6.30
N ASN B 183 -3.95 -6.34 5.74
CA ASN B 183 -5.04 -7.27 6.08
C ASN B 183 -6.40 -6.93 5.46
N GLU B 184 -6.40 -6.31 4.29
CA GLU B 184 -7.65 -5.99 3.60
C GLU B 184 -7.69 -6.57 2.20
N SER B 185 -6.50 -6.81 1.64
CA SER B 185 -6.36 -7.30 0.29
C SER B 185 -5.02 -8.00 0.23
N ASP B 186 -4.92 -9.15 0.89
CA ASP B 186 -3.66 -9.87 1.01
C ASP B 186 -3.11 -10.28 -0.35
N GLY B 187 -4.03 -10.51 -1.30
CA GLY B 187 -3.65 -10.89 -2.63
C GLY B 187 -2.84 -9.83 -3.36
N THR B 188 -3.37 -8.61 -3.39
CA THR B 188 -2.71 -7.52 -4.11
C THR B 188 -1.47 -7.06 -3.36
N ASN B 189 -1.55 -7.05 -2.03
CA ASN B 189 -0.40 -6.66 -1.23
C ASN B 189 0.80 -7.60 -1.41
N GLU B 190 0.53 -8.89 -1.53
CA GLU B 190 1.58 -9.86 -1.82
C GLU B 190 2.22 -9.57 -3.17
N LEU B 191 1.41 -9.20 -4.15
CA LEU B 191 1.94 -8.83 -5.46
C LEU B 191 2.91 -7.66 -5.30
N LEU B 192 2.51 -6.69 -4.50
CA LEU B 192 3.38 -5.56 -4.21
C LEU B 192 4.63 -6.01 -3.47
N GLU B 193 4.46 -6.85 -2.46
CA GLU B 193 5.58 -7.26 -1.62
C GLU B 193 6.67 -7.98 -2.43
N LYS B 194 6.25 -8.71 -3.46
CA LYS B 194 7.21 -9.46 -4.26
C LYS B 194 7.65 -8.71 -5.52
N GLY B 195 7.18 -7.48 -5.66
CA GLY B 195 7.53 -6.65 -6.80
C GLY B 195 7.00 -7.20 -8.11
N GLN B 196 5.90 -7.95 -8.01
CA GLN B 196 5.28 -8.57 -9.18
C GLN B 196 4.16 -7.70 -9.75
N ALA B 197 3.82 -6.65 -9.02
CA ALA B 197 2.84 -5.68 -9.47
C ALA B 197 3.27 -4.28 -9.08
N GLN B 198 2.73 -3.29 -9.79
CA GLN B 198 3.02 -1.90 -9.49
C GLN B 198 1.77 -1.23 -8.93
N GLY B 199 1.95 -0.34 -7.96
CA GLY B 199 0.82 0.34 -7.36
C GLY B 199 0.36 1.54 -8.17
N ILE B 200 -0.95 1.79 -8.17
CA ILE B 200 -1.48 3.01 -8.75
C ILE B 200 -1.61 4.07 -7.67
N PHE B 201 -0.67 5.02 -7.65
CA PHE B 201 -0.66 6.05 -6.61
C PHE B 201 -1.26 7.37 -7.10
N ASN B 202 -1.59 7.43 -8.38
CA ASN B 202 -2.31 8.57 -8.94
C ASN B 202 -2.98 8.19 -10.25
N ILE B 203 -4.30 8.16 -10.23
CA ILE B 203 -5.08 7.63 -11.34
C ILE B 203 -4.90 8.40 -12.65
N GLN B 204 -4.79 9.72 -12.57
CA GLN B 204 -4.66 10.54 -13.77
C GLN B 204 -3.29 10.36 -14.43
N ASN B 205 -2.25 10.26 -13.62
CA ASN B 205 -0.89 10.06 -14.13
C ASN B 205 -0.70 8.64 -14.65
N PHE B 206 -1.37 7.68 -14.01
CA PHE B 206 -1.39 6.31 -14.47
C PHE B 206 -1.92 6.27 -15.90
N ILE B 207 -3.08 6.87 -16.11
CA ILE B 207 -3.72 6.87 -17.42
C ILE B 207 -2.87 7.56 -18.50
N ASN B 208 -2.41 8.77 -18.19
CA ASN B 208 -1.55 9.52 -19.11
C ASN B 208 -0.36 8.68 -19.58
N THR B 209 0.32 8.06 -18.61
CA THR B 209 1.46 7.20 -18.92
C THR B 209 1.09 6.08 -19.87
N LEU B 210 -0.05 5.44 -19.62
CA LEU B 210 -0.53 4.38 -20.50
C LEU B 210 -0.67 4.89 -21.93
N LEU B 211 -1.13 6.12 -22.07
CA LEU B 211 -1.34 6.71 -23.38
C LEU B 211 -0.02 7.00 -24.10
N LYS B 212 1.01 7.31 -23.33
CA LYS B 212 2.33 7.61 -23.87
C LYS B 212 2.84 6.47 -24.77
N ASP B 213 2.78 5.25 -24.25
CA ASP B 213 3.29 4.09 -24.98
C ASP B 213 2.27 3.58 -26.00
#